data_1I3D
#
_entry.id   1I3D
#
_cell.length_a   60.616
_cell.length_b   82.837
_cell.length_c   53.576
_cell.angle_alpha   90.000
_cell.angle_beta   90.000
_cell.angle_gamma   90.000
#
_symmetry.space_group_name_H-M   'P 21 21 2'
#
loop_
_entity.id
_entity.type
_entity.pdbx_description
1 polymer 'HEMOGLOBIN GAMMA CHAINS'
2 non-polymer 'PROTOPORPHYRIN IX CONTAINING FE'
3 non-polymer 'CARBON MONOXIDE'
4 water water
#
_entity_poly.entity_id   1
_entity_poly.type   'polypeptide(L)'
_entity_poly.pdbx_seq_one_letter_code
;GHFTEEDKATITSLWGKVNVEDAGGETLGRLLVVYPWTQRFFDSFGNLSSASAIMGNPKVKAHGKKVLTSLGDAIKHLDD
LKGTFAQLSELHCDKLHVDPENFKLLGNVLVTVLAIHFGKEFTPEVQASWQKMVTAVASALSSRYH
;
_entity_poly.pdbx_strand_id   A,B
#
# COMPACT_ATOMS: atom_id res chain seq x y z
N GLY A 1 -8.66 5.16 18.41
CA GLY A 1 -7.20 4.53 18.09
C GLY A 1 -6.62 4.42 19.48
N HIS A 2 -5.16 3.89 19.26
CA HIS A 2 -4.24 3.91 20.39
C HIS A 2 -2.74 3.52 19.88
N PHE A 3 -1.85 4.50 20.22
CA PHE A 3 -0.42 4.21 19.79
C PHE A 3 0.30 3.62 20.98
N THR A 4 0.89 2.48 20.76
CA THR A 4 1.73 1.85 21.92
C THR A 4 2.92 2.67 22.02
N GLU A 5 3.74 2.48 23.13
CA GLU A 5 4.92 3.26 23.29
C GLU A 5 5.90 2.78 22.11
N GLU A 6 5.71 1.54 21.72
CA GLU A 6 6.64 0.96 20.65
C GLU A 6 6.13 1.59 19.33
N ASP A 7 4.93 1.81 19.10
CA ASP A 7 4.43 2.52 17.84
C ASP A 7 5.03 3.92 17.76
N LYS A 8 4.96 4.65 18.93
CA LYS A 8 5.53 6.02 18.93
C LYS A 8 6.99 6.06 18.65
N ALA A 9 7.75 5.05 19.29
CA ALA A 9 9.16 5.07 19.10
C ALA A 9 9.52 4.83 17.66
N THR A 10 8.81 3.84 17.08
CA THR A 10 9.02 3.49 15.61
C THR A 10 8.75 4.64 14.76
N ILE A 11 7.58 5.28 14.99
CA ILE A 11 7.19 6.38 14.12
C ILE A 11 8.17 7.48 14.20
N THR A 12 8.50 7.90 15.45
CA THR A 12 9.47 9.02 15.58
C THR A 12 10.87 8.66 15.08
N SER A 13 11.36 7.55 15.36
CA SER A 13 12.70 7.14 14.88
C SER A 13 12.84 7.00 13.38
N LEU A 14 11.87 6.37 12.73
CA LEU A 14 11.98 6.24 11.27
C LEU A 14 11.83 7.56 10.60
N TRP A 15 10.86 8.43 11.16
CA TRP A 15 10.74 9.73 10.54
C TRP A 15 11.93 10.58 10.64
N GLY A 16 12.74 10.42 11.70
CA GLY A 16 13.92 11.21 11.81
C GLY A 16 14.97 10.93 10.81
N LYS A 17 14.76 9.81 10.06
CA LYS A 17 15.77 9.46 9.02
C LYS A 17 15.14 9.84 7.62
N VAL A 18 13.97 10.42 7.60
CA VAL A 18 13.41 10.80 6.34
C VAL A 18 13.80 12.19 5.89
N ASN A 19 14.25 12.25 4.63
CA ASN A 19 14.67 13.60 4.10
C ASN A 19 13.39 14.20 3.54
N VAL A 20 12.83 15.09 4.16
CA VAL A 20 11.49 15.69 3.65
C VAL A 20 11.63 16.37 2.39
N GLU A 21 12.82 17.10 2.16
CA GLU A 21 12.99 17.77 0.83
C GLU A 21 12.88 16.82 -0.40
N ASP A 22 13.24 15.59 -0.15
CA ASP A 22 13.11 14.62 -1.33
C ASP A 22 11.71 13.92 -1.21
N ALA A 23 11.43 13.40 0.02
CA ALA A 23 10.24 12.53 0.16
C ALA A 23 8.92 13.26 -0.19
N GLY A 24 8.90 14.61 0.07
CA GLY A 24 7.66 15.31 -0.21
C GLY A 24 7.16 15.25 -1.63
N GLY A 25 7.98 15.68 -2.60
CA GLY A 25 7.59 15.62 -3.97
C GLY A 25 7.43 14.22 -4.48
N GLU A 26 8.29 13.25 -3.88
CA GLU A 26 8.21 11.92 -4.30
C GLU A 26 6.89 11.27 -3.92
N THR A 27 6.35 11.67 -2.76
CA THR A 27 5.08 11.10 -2.31
C THR A 27 3.87 11.71 -3.07
N LEU A 28 3.81 13.03 -3.20
CA LEU A 28 2.69 13.60 -3.91
C LEU A 28 2.72 13.22 -5.37
N GLY A 29 3.93 13.22 -5.97
CA GLY A 29 4.02 12.85 -7.36
C GLY A 29 3.60 11.40 -7.60
N ARG A 30 4.00 10.52 -6.67
CA ARG A 30 3.63 9.06 -6.83
C ARG A 30 2.09 8.95 -6.76
N LEU A 31 1.45 9.70 -5.88
CA LEU A 31 0.01 9.65 -5.75
C LEU A 31 -0.65 10.11 -7.05
N LEU A 32 -0.16 11.20 -7.61
CA LEU A 32 -0.73 11.72 -8.85
C LEU A 32 -0.59 10.80 -10.03
N VAL A 33 0.58 10.09 -10.08
CA VAL A 33 0.80 9.13 -11.18
C VAL A 33 -0.01 7.86 -10.98
N VAL A 34 0.10 7.25 -9.84
CA VAL A 34 -0.56 5.94 -9.57
C VAL A 34 -2.07 5.97 -9.51
N TYR A 35 -2.65 7.06 -8.98
CA TYR A 35 -4.09 7.23 -8.81
C TYR A 35 -4.48 8.56 -9.49
N PRO A 36 -4.42 8.59 -10.81
CA PRO A 36 -4.58 9.82 -11.68
C PRO A 36 -5.80 10.66 -11.41
N TRP A 37 -6.84 10.07 -10.86
CA TRP A 37 -7.99 10.89 -10.58
C TRP A 37 -7.71 11.98 -9.59
N THR A 38 -6.68 11.78 -8.73
CA THR A 38 -6.37 12.81 -7.76
C THR A 38 -5.77 14.08 -8.42
N GLN A 39 -5.38 13.98 -9.63
CA GLN A 39 -4.88 15.21 -10.38
C GLN A 39 -5.95 16.30 -10.49
N ARG A 40 -7.23 15.92 -10.37
CA ARG A 40 -8.25 16.92 -10.51
C ARG A 40 -8.27 18.00 -9.37
N PHE A 41 -7.62 17.66 -8.27
CA PHE A 41 -7.52 18.63 -7.16
C PHE A 41 -6.41 19.58 -7.41
N PHE A 42 -5.56 19.32 -8.37
CA PHE A 42 -4.36 20.19 -8.62
C PHE A 42 -4.22 20.85 -9.94
N ASP A 43 -5.44 21.22 -10.55
CA ASP A 43 -5.37 21.85 -11.89
C ASP A 43 -4.47 23.08 -11.90
N SER A 44 -4.34 23.79 -10.87
CA SER A 44 -3.49 25.00 -10.93
C SER A 44 -2.12 24.76 -10.85
N PHE A 45 -1.67 23.48 -10.67
CA PHE A 45 -0.28 23.16 -10.53
C PHE A 45 0.49 22.99 -11.94
N GLY A 46 -0.30 23.21 -12.98
CA GLY A 46 0.32 23.22 -14.36
C GLY A 46 0.35 21.83 -14.99
N ASN A 47 1.45 21.49 -15.64
CA ASN A 47 1.50 20.28 -16.40
C ASN A 47 1.61 18.99 -15.61
N LEU A 48 0.57 18.15 -15.72
CA LEU A 48 0.49 16.90 -14.99
C LEU A 48 0.09 15.78 -16.01
N SER A 49 0.38 16.10 -17.30
CA SER A 49 0.02 15.20 -18.44
C SER A 49 0.82 13.96 -18.65
N SER A 50 1.88 13.73 -17.90
CA SER A 50 2.73 12.56 -18.01
C SER A 50 3.45 12.35 -16.76
N ALA A 51 3.95 11.09 -16.52
CA ALA A 51 4.72 10.87 -15.27
C ALA A 51 5.92 11.74 -15.15
N SER A 52 6.67 11.97 -16.29
CA SER A 52 7.81 12.79 -16.21
C SER A 52 7.45 14.30 -15.87
N ALA A 53 6.39 14.75 -16.40
CA ALA A 53 5.92 16.12 -16.07
C ALA A 53 5.52 16.22 -14.60
N ILE A 54 4.85 15.17 -14.11
CA ILE A 54 4.46 15.24 -12.65
C ILE A 54 5.61 15.20 -11.79
N MET A 55 6.57 14.26 -12.00
CA MET A 55 7.74 14.10 -11.10
C MET A 55 8.77 15.26 -11.33
N GLY A 56 8.58 16.06 -12.34
CA GLY A 56 9.51 17.20 -12.58
C GLY A 56 8.77 18.50 -12.20
N ASN A 57 7.54 18.48 -11.89
CA ASN A 57 6.75 19.68 -11.67
C ASN A 57 7.13 20.39 -10.32
N PRO A 58 7.63 21.66 -10.45
CA PRO A 58 8.13 22.37 -9.25
C PRO A 58 7.05 22.60 -8.25
N LYS A 59 5.77 22.76 -8.67
CA LYS A 59 4.72 23.02 -7.73
C LYS A 59 4.34 21.71 -6.93
N VAL A 60 4.41 20.56 -7.64
CA VAL A 60 4.20 19.30 -6.97
C VAL A 60 5.27 19.09 -5.94
N LYS A 61 6.48 19.36 -6.21
CA LYS A 61 7.60 19.14 -5.18
C LYS A 61 7.45 20.08 -4.03
N ALA A 62 7.10 21.35 -4.29
CA ALA A 62 6.92 22.29 -3.19
C ALA A 62 5.72 21.96 -2.34
N HIS A 63 4.62 21.49 -2.98
CA HIS A 63 3.46 21.17 -2.23
C HIS A 63 3.72 19.86 -1.33
N GLY A 64 4.34 18.89 -1.99
CA GLY A 64 4.61 17.61 -1.23
C GLY A 64 5.40 17.93 0.02
N LYS A 65 6.34 18.91 -0.09
CA LYS A 65 7.13 19.24 1.15
C LYS A 65 6.27 19.77 2.23
N LYS A 66 5.23 20.62 1.87
CA LYS A 66 4.29 21.16 2.83
C LYS A 66 3.56 20.01 3.48
N VAL A 67 3.06 19.07 2.66
CA VAL A 67 2.37 17.92 3.17
C VAL A 67 3.12 17.14 4.19
N LEU A 68 4.39 16.74 3.83
CA LEU A 68 5.16 15.98 4.75
C LEU A 68 5.69 16.77 5.97
N THR A 69 5.81 18.08 5.75
CA THR A 69 6.27 18.92 7.01
C THR A 69 5.09 18.98 7.92
N SER A 70 3.84 18.98 7.35
CA SER A 70 2.62 18.99 8.20
C SER A 70 2.57 17.71 8.92
N LEU A 71 2.86 16.57 8.27
CA LEU A 71 2.82 15.27 8.95
C LEU A 71 3.97 15.20 10.02
N GLY A 72 5.05 15.82 9.72
CA GLY A 72 6.19 15.78 10.77
C GLY A 72 5.71 16.49 12.01
N ASP A 73 5.03 17.59 11.91
CA ASP A 73 4.56 18.33 13.08
C ASP A 73 3.51 17.43 13.79
N ALA A 74 2.70 16.76 13.00
CA ALA A 74 1.69 15.88 13.64
C ALA A 74 2.26 14.81 14.45
N ILE A 75 3.50 14.30 14.07
CA ILE A 75 4.12 13.25 14.82
C ILE A 75 4.58 13.67 16.19
N LYS A 76 4.58 15.00 16.40
CA LYS A 76 4.85 15.49 17.74
C LYS A 76 3.64 15.53 18.55
N HIS A 77 2.52 15.12 18.04
CA HIS A 77 1.20 15.17 18.73
C HIS A 77 0.40 13.86 18.53
N LEU A 78 1.17 12.68 18.57
CA LEU A 78 0.47 11.45 18.29
C LEU A 78 -0.59 11.11 19.07
N ASP A 79 -0.76 11.61 20.31
CA ASP A 79 -1.93 11.21 20.94
C ASP A 79 -3.03 12.35 21.00
N ASP A 80 -2.84 13.27 20.06
CA ASP A 80 -3.93 14.29 19.78
C ASP A 80 -3.96 14.67 18.41
N LEU A 81 -4.08 13.76 17.51
CA LEU A 81 -4.04 14.10 16.07
C LEU A 81 -5.37 14.83 15.57
N LYS A 82 -6.49 14.43 16.22
CA LYS A 82 -7.69 15.15 15.72
C LYS A 82 -7.71 16.60 15.95
N GLY A 83 -7.19 17.04 17.21
CA GLY A 83 -7.06 18.42 17.49
C GLY A 83 -5.98 19.05 16.61
N THR A 84 -4.94 18.34 16.39
CA THR A 84 -3.85 18.89 15.56
C THR A 84 -4.19 19.23 14.13
N PHE A 85 -5.08 18.36 13.56
CA PHE A 85 -5.45 18.51 12.16
C PHE A 85 -6.76 19.18 11.91
N ALA A 86 -7.34 19.67 13.04
CA ALA A 86 -8.70 20.38 12.87
C ALA A 86 -8.71 21.45 11.81
N GLN A 87 -7.79 22.29 11.74
CA GLN A 87 -7.75 23.36 10.72
C GLN A 87 -7.61 22.83 9.33
N LEU A 88 -6.79 21.80 9.16
CA LEU A 88 -6.60 21.23 7.79
C LEU A 88 -7.78 20.34 7.40
N SER A 89 -8.54 19.91 8.41
CA SER A 89 -9.80 19.13 8.09
C SER A 89 -10.81 20.07 7.50
N GLU A 90 -10.94 21.27 8.15
CA GLU A 90 -11.83 22.25 7.62
C GLU A 90 -11.50 22.66 6.22
N LEU A 91 -10.14 22.80 6.00
CA LEU A 91 -9.69 23.14 4.64
C LEU A 91 -10.00 22.10 3.60
N HIS A 92 -9.59 20.85 3.91
CA HIS A 92 -9.81 19.76 2.97
C HIS A 92 -11.26 19.30 2.82
N CYS A 93 -11.98 19.38 3.84
CA CYS A 93 -13.48 18.96 3.77
C CYS A 93 -14.46 20.03 3.41
N ASP A 94 -14.47 21.07 4.19
CA ASP A 94 -15.57 22.18 3.94
C ASP A 94 -15.18 22.97 2.69
N LYS A 95 -13.86 23.26 2.46
CA LYS A 95 -13.52 24.07 1.30
C LYS A 95 -13.13 23.36 0.04
N LEU A 96 -12.28 22.37 0.06
CA LEU A 96 -11.91 21.65 -1.13
C LEU A 96 -12.68 20.42 -1.49
N HIS A 97 -13.51 19.91 -0.64
CA HIS A 97 -14.31 18.72 -0.94
C HIS A 97 -13.50 17.55 -1.38
N VAL A 98 -12.38 17.31 -0.68
CA VAL A 98 -11.56 16.11 -0.95
C VAL A 98 -12.27 14.88 -0.48
N ASP A 99 -12.32 13.80 -1.28
CA ASP A 99 -12.83 12.58 -0.90
C ASP A 99 -12.08 11.93 0.18
N PRO A 100 -12.73 11.62 1.35
CA PRO A 100 -12.05 11.06 2.52
C PRO A 100 -11.24 9.78 2.13
N GLU A 101 -11.64 9.08 1.14
CA GLU A 101 -10.98 7.86 0.70
C GLU A 101 -9.49 8.31 0.17
N ASN A 102 -9.39 9.48 -0.34
CA ASN A 102 -8.04 9.88 -0.85
C ASN A 102 -7.04 10.14 0.30
N PHE A 103 -7.51 10.43 1.52
CA PHE A 103 -6.52 10.63 2.63
C PHE A 103 -5.89 9.28 2.91
N LYS A 104 -6.61 8.23 2.79
CA LYS A 104 -6.10 6.87 3.03
C LYS A 104 -5.16 6.56 1.85
N LEU A 105 -5.48 6.90 0.66
CA LEU A 105 -4.69 6.63 -0.49
C LEU A 105 -3.27 7.33 -0.36
N LEU A 106 -3.31 8.57 0.04
CA LEU A 106 -1.97 9.27 0.12
C LEU A 106 -1.17 8.64 1.25
N GLY A 107 -1.81 8.27 2.31
CA GLY A 107 -1.02 7.69 3.42
C GLY A 107 -0.48 6.33 2.96
N ASN A 108 -1.15 5.63 2.18
CA ASN A 108 -0.61 4.38 1.59
C ASN A 108 0.49 4.54 0.58
N VAL A 109 0.48 5.77 -0.06
CA VAL A 109 1.58 6.02 -1.01
C VAL A 109 2.81 6.37 -0.17
N LEU A 110 2.58 7.02 0.97
CA LEU A 110 3.74 7.31 1.84
C LEU A 110 4.31 6.01 2.37
N VAL A 111 3.51 5.08 2.68
CA VAL A 111 4.03 3.74 3.18
C VAL A 111 4.91 3.16 2.10
N THR A 112 4.52 3.26 0.83
CA THR A 112 5.29 2.74 -0.28
C THR A 112 6.62 3.44 -0.39
N VAL A 113 6.59 4.77 -0.23
CA VAL A 113 7.88 5.54 -0.29
C VAL A 113 8.81 5.15 0.85
N LEU A 114 8.27 4.92 2.04
CA LEU A 114 9.10 4.53 3.16
C LEU A 114 9.72 3.14 2.87
N ALA A 115 8.92 2.26 2.30
CA ALA A 115 9.43 0.94 1.99
C ALA A 115 10.56 1.06 0.99
N ILE A 116 10.38 1.95 -0.01
CA ILE A 116 11.46 2.13 -1.06
C ILE A 116 12.71 2.69 -0.40
N HIS A 117 12.54 3.70 0.42
CA HIS A 117 13.73 4.30 1.05
C HIS A 117 14.40 3.48 2.08
N PHE A 118 13.72 2.68 2.84
CA PHE A 118 14.36 1.93 3.91
C PHE A 118 14.54 0.41 3.71
N GLY A 119 13.88 -0.10 2.66
CA GLY A 119 14.04 -1.51 2.38
C GLY A 119 13.75 -2.41 3.58
N LYS A 120 14.66 -3.37 3.79
CA LYS A 120 14.49 -4.34 4.87
C LYS A 120 14.19 -3.75 6.24
N GLU A 121 14.69 -2.53 6.48
CA GLU A 121 14.50 -1.88 7.77
C GLU A 121 13.00 -1.64 8.05
N PHE A 122 12.22 -1.63 6.95
CA PHE A 122 10.78 -1.42 7.09
C PHE A 122 10.14 -2.80 7.33
N THR A 123 10.32 -3.32 8.50
CA THR A 123 9.85 -4.70 8.87
C THR A 123 8.29 -4.74 8.97
N PRO A 124 7.78 -5.93 9.15
CA PRO A 124 6.31 -6.05 9.26
C PRO A 124 5.79 -5.23 10.49
N GLU A 125 6.60 -5.32 11.61
CA GLU A 125 6.16 -4.55 12.75
C GLU A 125 6.27 -3.10 12.56
N VAL A 126 7.31 -2.62 11.88
CA VAL A 126 7.46 -1.22 11.63
C VAL A 126 6.29 -0.74 10.66
N GLN A 127 5.99 -1.56 9.71
CA GLN A 127 4.86 -1.22 8.76
C GLN A 127 3.59 -1.15 9.59
N ALA A 128 3.37 -2.06 10.49
CA ALA A 128 2.11 -2.00 11.26
C ALA A 128 1.97 -0.74 11.96
N SER A 129 3.07 -0.17 12.55
CA SER A 129 2.98 1.04 13.30
C SER A 129 2.67 2.19 12.35
N TRP A 130 3.21 2.14 11.12
CA TRP A 130 2.97 3.22 10.21
C TRP A 130 1.56 3.11 9.57
N GLN A 131 1.04 1.91 9.54
CA GLN A 131 -0.29 1.66 8.94
C GLN A 131 -1.29 2.32 9.96
N LYS A 132 -1.00 2.23 11.25
CA LYS A 132 -1.92 2.82 12.26
C LYS A 132 -1.79 4.32 12.11
N MET A 133 -0.58 4.82 11.81
CA MET A 133 -0.41 6.28 11.75
C MET A 133 -1.26 6.78 10.48
N VAL A 134 -1.09 6.09 9.34
CA VAL A 134 -1.92 6.55 8.15
C VAL A 134 -3.35 6.59 8.40
N THR A 135 -3.85 5.55 9.12
CA THR A 135 -5.31 5.53 9.49
C THR A 135 -5.67 6.62 10.40
N ALA A 136 -4.82 6.98 11.37
CA ALA A 136 -5.12 7.99 12.32
C ALA A 136 -5.13 9.33 11.65
N VAL A 137 -4.17 9.55 10.71
CA VAL A 137 -4.11 10.80 10.01
C VAL A 137 -5.40 10.94 9.10
N ALA A 138 -5.74 9.87 8.43
CA ALA A 138 -7.00 9.93 7.55
C ALA A 138 -8.15 10.28 8.40
N SER A 139 -8.32 9.62 9.55
CA SER A 139 -9.49 9.91 10.41
C SER A 139 -9.47 11.29 10.85
N ALA A 140 -8.36 11.84 11.26
CA ALA A 140 -8.26 13.25 11.73
C ALA A 140 -8.55 14.22 10.70
N LEU A 141 -8.09 14.00 9.42
CA LEU A 141 -8.35 14.94 8.34
C LEU A 141 -9.83 14.90 7.83
N SER A 142 -10.42 13.73 7.91
CA SER A 142 -11.88 13.64 7.43
C SER A 142 -12.77 13.93 8.53
N SER A 143 -12.31 14.40 9.67
CA SER A 143 -13.20 14.65 10.82
C SER A 143 -14.35 15.60 10.53
N ARG A 144 -14.18 16.59 9.75
CA ARG A 144 -15.29 17.49 9.36
C ARG A 144 -16.38 16.87 8.63
N TYR A 145 -16.12 15.72 8.00
CA TYR A 145 -17.13 15.01 7.26
C TYR A 145 -17.96 14.12 8.21
N HIS A 146 -17.42 13.93 9.35
CA HIS A 146 -18.07 12.98 10.40
C HIS A 146 -18.58 13.65 11.51
N GLY B 1 -11.11 -3.71 -17.53
CA GLY B 1 -9.68 -3.37 -17.43
C GLY B 1 -8.98 -3.73 -18.64
N HIS B 2 -7.59 -3.33 -18.76
CA HIS B 2 -6.88 -3.52 -19.80
C HIS B 2 -5.30 -3.30 -19.53
N PHE B 3 -4.58 -4.31 -19.73
CA PHE B 3 -3.03 -4.13 -19.51
C PHE B 3 -2.55 -3.65 -20.75
N THR B 4 -1.61 -2.62 -20.74
CA THR B 4 -0.92 -2.20 -21.82
C THR B 4 0.22 -2.94 -22.15
N GLU B 5 0.92 -2.81 -23.29
CA GLU B 5 2.03 -3.53 -23.59
C GLU B 5 3.10 -3.21 -22.49
N GLU B 6 3.13 -1.95 -22.07
CA GLU B 6 4.11 -1.50 -21.14
C GLU B 6 3.78 -2.22 -19.72
N ASP B 7 2.51 -2.25 -19.40
CA ASP B 7 2.11 -2.92 -18.16
C ASP B 7 2.66 -4.39 -18.13
N LYS B 8 2.32 -5.06 -19.30
CA LYS B 8 2.79 -6.49 -19.33
C LYS B 8 4.18 -6.70 -19.24
N ALA B 9 5.05 -5.83 -19.91
CA ALA B 9 6.43 -6.00 -19.83
C ALA B 9 7.00 -5.72 -18.42
N THR B 10 6.39 -4.73 -17.78
CA THR B 10 6.84 -4.34 -16.40
C THR B 10 6.46 -5.45 -15.46
N ILE B 11 5.27 -6.01 -15.55
CA ILE B 11 4.85 -7.09 -14.63
C ILE B 11 5.70 -8.31 -14.85
N THR B 12 5.87 -8.70 -16.11
CA THR B 12 6.61 -9.92 -16.43
C THR B 12 8.09 -9.77 -16.04
N SER B 13 8.69 -8.62 -16.41
CA SER B 13 10.14 -8.39 -16.09
C SER B 13 10.42 -8.35 -14.63
N LEU B 14 9.66 -7.61 -13.85
CA LEU B 14 9.91 -7.54 -12.36
C LEU B 14 9.62 -8.84 -11.73
N TRP B 15 8.60 -9.54 -12.20
CA TRP B 15 8.28 -10.82 -11.54
C TRP B 15 9.41 -11.86 -11.78
N GLY B 16 10.04 -11.74 -12.93
CA GLY B 16 11.14 -12.73 -13.25
C GLY B 16 12.30 -12.53 -12.24
N LYS B 17 12.35 -11.53 -11.49
CA LYS B 17 13.42 -11.27 -10.56
C LYS B 17 13.01 -11.56 -9.09
N VAL B 18 11.61 -12.05 -8.95
CA VAL B 18 11.30 -12.40 -7.64
C VAL B 18 11.60 -13.84 -7.23
N ASN B 19 11.98 -14.01 -6.00
CA ASN B 19 12.28 -15.35 -5.48
C ASN B 19 10.86 -15.86 -4.85
N VAL B 20 10.23 -16.73 -5.56
CA VAL B 20 8.87 -17.30 -5.08
C VAL B 20 9.31 -18.47 -4.12
N GLU B 21 10.36 -18.25 -3.33
CA GLU B 21 10.59 -19.40 -2.08
C GLU B 21 10.65 -18.50 -0.99
N ASP B 22 10.90 -17.23 -1.02
CA ASP B 22 10.93 -16.41 0.22
C ASP B 22 9.88 -15.32 0.10
N ALA B 23 9.64 -14.77 -1.06
CA ALA B 23 8.72 -13.64 -1.25
C ALA B 23 7.30 -14.05 -0.74
N GLY B 24 6.92 -15.27 -1.09
CA GLY B 24 5.56 -15.71 -0.71
C GLY B 24 5.38 -15.72 0.79
N GLY B 25 6.34 -16.31 1.52
CA GLY B 25 6.23 -16.33 2.99
C GLY B 25 6.28 -14.91 3.56
N GLU B 26 7.10 -14.03 2.94
CA GLU B 26 7.25 -12.71 3.38
C GLU B 26 5.95 -11.91 3.20
N THR B 27 5.25 -12.17 2.06
CA THR B 27 4.05 -11.44 1.77
C THR B 27 2.89 -11.88 2.67
N LEU B 28 2.71 -13.22 2.78
CA LEU B 28 1.59 -13.67 3.62
C LEU B 28 1.87 -13.34 5.10
N GLY B 29 3.19 -13.48 5.51
CA GLY B 29 3.45 -13.12 6.89
C GLY B 29 3.17 -11.68 7.17
N ARG B 30 3.55 -10.78 6.22
CA ARG B 30 3.36 -9.36 6.45
C ARG B 30 1.85 -9.07 6.50
N LEU B 31 1.08 -9.72 5.67
CA LEU B 31 -0.35 -9.52 5.72
C LEU B 31 -0.86 -9.87 7.10
N LEU B 32 -0.45 -11.00 7.66
CA LEU B 32 -0.94 -11.43 8.94
C LEU B 32 -0.54 -10.49 10.14
N VAL B 33 0.62 -9.91 10.00
CA VAL B 33 1.11 -8.96 11.04
C VAL B 33 0.42 -7.63 10.93
N VAL B 34 0.49 -7.03 9.78
CA VAL B 34 -0.05 -5.68 9.55
C VAL B 34 -1.57 -5.57 9.67
N TYR B 35 -2.29 -6.62 9.16
CA TYR B 35 -3.75 -6.63 9.24
C TYR B 35 -4.19 -7.93 9.95
N PRO B 36 -4.07 -7.91 11.29
CA PRO B 36 -4.36 -9.01 12.20
C PRO B 36 -5.63 -9.80 11.99
N TRP B 37 -6.69 -9.12 11.57
CA TRP B 37 -7.92 -9.88 11.34
C TRP B 37 -7.85 -11.03 10.37
N THR B 38 -6.82 -10.84 9.42
CA THR B 38 -6.67 -11.92 8.43
C THR B 38 -6.27 -13.24 9.03
N GLN B 39 -5.70 -13.22 10.24
CA GLN B 39 -5.24 -14.44 10.90
C GLN B 39 -6.43 -15.44 11.12
N ARG B 40 -7.61 -14.85 11.18
CA ARG B 40 -8.79 -15.73 11.41
C ARG B 40 -8.94 -16.87 10.40
N PHE B 41 -8.45 -16.58 9.12
CA PHE B 41 -8.61 -17.66 8.10
C PHE B 41 -7.58 -18.71 8.31
N PHE B 42 -6.54 -18.53 8.94
CA PHE B 42 -5.47 -19.41 9.10
C PHE B 42 -5.16 -19.96 10.50
N ASP B 43 -6.39 -20.23 11.18
CA ASP B 43 -6.32 -20.72 12.63
C ASP B 43 -5.73 -22.14 12.58
N SER B 44 -5.44 -22.78 11.47
CA SER B 44 -4.93 -24.09 11.35
C SER B 44 -3.44 -24.10 11.18
N PHE B 45 -2.85 -22.87 11.04
CA PHE B 45 -1.47 -22.81 10.83
C PHE B 45 -0.60 -22.76 12.13
N GLY B 46 -1.27 -22.74 13.28
CA GLY B 46 -0.56 -22.67 14.47
C GLY B 46 -0.56 -21.36 15.19
N ASN B 47 0.49 -21.04 15.98
CA ASN B 47 0.52 -19.90 16.77
C ASN B 47 0.97 -18.67 15.81
N LEU B 48 0.10 -17.67 15.83
CA LEU B 48 0.26 -16.44 15.08
C LEU B 48 0.04 -15.31 16.06
N SER B 49 0.43 -15.43 17.33
CA SER B 49 0.22 -14.35 18.28
C SER B 49 1.15 -13.25 18.29
N SER B 50 2.38 -13.40 17.49
CA SER B 50 3.23 -12.32 17.42
C SER B 50 3.98 -12.27 16.04
N ALA B 51 4.57 -11.20 15.75
CA ALA B 51 5.30 -11.09 14.47
C ALA B 51 6.27 -12.14 14.33
N SER B 52 7.14 -12.33 15.47
CA SER B 52 8.13 -13.40 15.33
C SER B 52 7.56 -14.74 15.08
N ALA B 53 6.44 -15.06 15.83
CA ALA B 53 5.82 -16.42 15.61
C ALA B 53 5.32 -16.56 14.18
N ILE B 54 4.75 -15.48 13.66
CA ILE B 54 4.16 -15.55 12.20
C ILE B 54 5.27 -15.65 11.25
N MET B 55 6.18 -14.72 11.26
CA MET B 55 7.27 -14.71 10.20
C MET B 55 8.12 -15.89 10.29
N GLY B 56 8.15 -16.70 11.44
CA GLY B 56 8.96 -17.81 11.58
C GLY B 56 8.11 -19.20 11.36
N ASN B 57 6.80 -19.05 11.10
CA ASN B 57 6.00 -20.17 11.02
C ASN B 57 6.17 -20.89 9.68
N PRO B 58 6.57 -22.12 9.72
CA PRO B 58 6.84 -22.89 8.44
C PRO B 58 5.61 -23.11 7.62
N LYS B 59 4.40 -23.10 8.15
CA LYS B 59 3.23 -23.33 7.38
C LYS B 59 2.89 -21.99 6.63
N VAL B 60 3.22 -20.92 7.21
CA VAL B 60 3.01 -19.57 6.58
C VAL B 60 3.94 -19.51 5.37
N LYS B 61 5.18 -19.92 5.57
CA LYS B 61 6.15 -19.83 4.52
C LYS B 61 5.74 -20.79 3.38
N ALA B 62 5.30 -21.96 3.69
CA ALA B 62 4.95 -22.94 2.76
C ALA B 62 3.68 -22.54 1.96
N HIS B 63 2.72 -21.92 2.69
CA HIS B 63 1.47 -21.58 2.01
C HIS B 63 1.73 -20.30 1.10
N GLY B 64 2.56 -19.39 1.64
CA GLY B 64 2.84 -18.15 0.79
C GLY B 64 3.49 -18.63 -0.53
N LYS B 65 4.24 -19.72 -0.47
CA LYS B 65 4.89 -20.16 -1.75
C LYS B 65 3.87 -20.56 -2.76
N LYS B 66 2.75 -21.20 -2.29
CA LYS B 66 1.66 -21.60 -3.18
C LYS B 66 1.06 -20.41 -3.78
N VAL B 67 0.71 -19.40 -2.93
CA VAL B 67 0.08 -18.17 -3.35
C VAL B 67 0.80 -17.47 -4.47
N LEU B 68 2.16 -17.23 -4.25
CA LEU B 68 2.88 -16.53 -5.27
C LEU B 68 3.19 -17.37 -6.53
N THR B 69 3.20 -18.73 -6.36
CA THR B 69 3.43 -19.55 -7.53
C THR B 69 2.21 -19.51 -8.44
N SER B 70 0.97 -19.49 -7.76
CA SER B 70 -0.25 -19.41 -8.56
C SER B 70 -0.34 -18.02 -9.21
N LEU B 71 0.16 -16.99 -8.51
CA LEU B 71 0.16 -15.64 -9.12
C LEU B 71 1.19 -15.60 -10.25
N GLY B 72 2.24 -16.27 -10.08
CA GLY B 72 3.28 -16.27 -11.18
C GLY B 72 2.68 -16.91 -12.40
N ASP B 73 1.87 -18.03 -12.22
CA ASP B 73 1.28 -18.64 -13.33
C ASP B 73 0.25 -17.73 -14.00
N ALA B 74 -0.53 -16.98 -13.21
CA ALA B 74 -1.46 -16.11 -13.73
C ALA B 74 -0.84 -14.97 -14.61
N ILE B 75 0.36 -14.64 -14.26
CA ILE B 75 1.04 -13.57 -15.04
C ILE B 75 1.37 -14.03 -16.42
N LYS B 76 1.20 -15.35 -16.73
CA LYS B 76 1.28 -15.82 -18.07
C LYS B 76 -0.02 -15.65 -18.82
N HIS B 77 -1.12 -15.24 -18.20
CA HIS B 77 -2.40 -15.15 -18.67
C HIS B 77 -3.07 -13.77 -18.33
N LEU B 78 -2.27 -12.74 -18.51
CA LEU B 78 -2.78 -11.43 -18.16
C LEU B 78 -4.02 -10.98 -18.84
N ASP B 79 -4.26 -11.47 -20.03
CA ASP B 79 -5.46 -11.05 -20.71
C ASP B 79 -6.63 -11.98 -20.35
N ASP B 80 -6.50 -12.86 -19.59
CA ASP B 80 -7.59 -13.76 -19.08
C ASP B 80 -7.46 -14.30 -17.63
N LEU B 81 -7.33 -13.21 -16.72
CA LEU B 81 -7.19 -13.58 -15.24
C LEU B 81 -8.47 -14.19 -14.66
N LYS B 82 -9.64 -13.83 -15.19
CA LYS B 82 -10.93 -14.40 -14.63
C LYS B 82 -10.99 -15.86 -14.77
N GLY B 83 -10.68 -16.32 -16.06
CA GLY B 83 -10.72 -17.77 -16.29
C GLY B 83 -9.60 -18.52 -15.61
N THR B 84 -8.41 -17.91 -15.55
CA THR B 84 -7.29 -18.54 -14.97
C THR B 84 -7.46 -18.79 -13.41
N PHE B 85 -8.24 -17.85 -12.80
CA PHE B 85 -8.44 -17.99 -11.34
C PHE B 85 -9.81 -18.54 -10.98
N ALA B 86 -10.56 -19.02 -12.00
CA ALA B 86 -11.91 -19.48 -11.73
C ALA B 86 -12.01 -20.51 -10.63
N GLN B 87 -11.12 -21.52 -10.71
CA GLN B 87 -11.18 -22.56 -9.67
C GLN B 87 -10.84 -22.07 -8.31
N LEU B 88 -9.76 -21.17 -8.23
CA LEU B 88 -9.42 -20.62 -6.88
C LEU B 88 -10.54 -19.61 -6.37
N SER B 89 -11.30 -19.08 -7.32
CA SER B 89 -12.35 -18.18 -6.86
C SER B 89 -13.40 -19.03 -6.11
N GLU B 90 -13.70 -20.18 -6.74
CA GLU B 90 -14.69 -21.06 -6.17
C GLU B 90 -14.23 -21.49 -4.75
N LEU B 91 -12.95 -21.86 -4.65
CA LEU B 91 -12.42 -22.27 -3.34
C LEU B 91 -12.52 -21.16 -2.32
N HIS B 92 -11.96 -19.99 -2.63
CA HIS B 92 -11.93 -18.87 -1.69
C HIS B 92 -13.33 -18.28 -1.34
N CYS B 93 -14.25 -18.19 -2.31
CA CYS B 93 -15.60 -17.59 -2.07
C CYS B 93 -16.57 -18.58 -1.58
N ASP B 94 -16.73 -19.64 -2.37
CA ASP B 94 -17.92 -20.60 -2.00
C ASP B 94 -17.61 -21.46 -0.80
N LYS B 95 -16.17 -21.90 -0.71
CA LYS B 95 -15.82 -22.78 0.36
C LYS B 95 -15.29 -22.14 1.54
N LEU B 96 -14.30 -21.19 1.44
CA LEU B 96 -13.70 -20.58 2.62
C LEU B 96 -14.33 -19.28 3.04
N HIS B 97 -15.20 -18.66 2.23
CA HIS B 97 -15.81 -17.41 2.62
C HIS B 97 -14.92 -16.30 2.98
N VAL B 98 -13.80 -16.15 2.14
CA VAL B 98 -12.92 -15.04 2.39
C VAL B 98 -13.46 -13.80 1.92
N ASP B 99 -13.37 -12.75 2.83
CA ASP B 99 -13.91 -11.46 2.50
C ASP B 99 -13.19 -10.89 1.22
N PRO B 100 -13.95 -10.48 0.25
CA PRO B 100 -13.44 -9.98 -0.92
C PRO B 100 -12.46 -8.83 -0.78
N GLU B 101 -12.56 -8.04 0.32
CA GLU B 101 -11.72 -6.94 0.56
C GLU B 101 -10.31 -7.39 0.88
N ASN B 102 -10.17 -8.68 1.44
CA ASN B 102 -8.92 -9.21 1.68
C ASN B 102 -8.02 -9.45 0.44
N PHE B 103 -8.58 -9.64 -0.70
CA PHE B 103 -7.80 -9.97 -1.89
C PHE B 103 -6.98 -8.71 -2.28
N LYS B 104 -7.70 -7.54 -2.10
CA LYS B 104 -6.96 -6.26 -2.48
C LYS B 104 -5.97 -6.00 -1.36
N LEU B 105 -6.24 -6.33 -0.16
CA LEU B 105 -5.32 -6.09 0.98
C LEU B 105 -4.07 -6.88 0.73
N LEU B 106 -4.20 -8.15 0.33
CA LEU B 106 -3.00 -8.97 0.07
C LEU B 106 -2.24 -8.41 -1.11
N GLY B 107 -2.91 -7.97 -2.09
CA GLY B 107 -2.27 -7.40 -3.30
C GLY B 107 -1.45 -6.17 -2.90
N ASN B 108 -1.99 -5.34 -2.06
CA ASN B 108 -1.23 -4.12 -1.59
C ASN B 108 -0.04 -4.48 -0.74
N VAL B 109 -0.10 -5.63 -0.04
CA VAL B 109 1.03 -5.95 0.77
C VAL B 109 2.13 -6.53 -0.20
N LEU B 110 1.69 -7.16 -1.29
CA LEU B 110 2.72 -7.63 -2.27
C LEU B 110 3.41 -6.37 -2.89
N VAL B 111 2.66 -5.31 -3.07
CA VAL B 111 3.22 -4.10 -3.65
C VAL B 111 4.29 -3.58 -2.63
N THR B 112 4.00 -3.61 -1.37
CA THR B 112 4.97 -3.11 -0.32
C THR B 112 6.22 -3.99 -0.37
N VAL B 113 6.05 -5.31 -0.51
CA VAL B 113 7.18 -6.21 -0.57
C VAL B 113 8.01 -5.96 -1.83
N LEU B 114 7.36 -5.68 -2.99
CA LEU B 114 8.10 -5.34 -4.15
C LEU B 114 8.86 -4.03 -3.99
N ALA B 115 8.26 -3.05 -3.28
CA ALA B 115 8.95 -1.81 -3.11
C ALA B 115 10.17 -2.03 -2.21
N ILE B 116 10.02 -2.86 -1.20
CA ILE B 116 11.19 -3.13 -0.28
C ILE B 116 12.30 -3.76 -1.06
N HIS B 117 12.00 -4.80 -1.87
CA HIS B 117 13.08 -5.49 -2.59
C HIS B 117 13.62 -4.71 -3.80
N PHE B 118 12.84 -3.99 -4.51
CA PHE B 118 13.33 -3.34 -5.70
C PHE B 118 13.66 -1.83 -5.50
N GLY B 119 13.21 -1.29 -4.44
CA GLY B 119 13.60 0.18 -4.17
C GLY B 119 13.28 1.09 -5.38
N LYS B 120 14.36 1.91 -5.65
CA LYS B 120 14.18 2.96 -6.67
C LYS B 120 13.75 2.43 -8.06
N GLU B 121 13.95 1.11 -8.28
CA GLU B 121 13.51 0.50 -9.57
C GLU B 121 11.87 0.54 -9.59
N PHE B 122 11.30 0.55 -8.44
CA PHE B 122 9.84 0.54 -8.32
C PHE B 122 9.37 1.99 -8.47
N THR B 123 9.44 2.46 -9.67
CA THR B 123 9.06 3.91 -9.97
C THR B 123 7.57 4.04 -9.94
N PRO B 124 7.05 5.29 -9.98
CA PRO B 124 5.61 5.47 -9.91
C PRO B 124 4.94 4.71 -11.04
N GLU B 125 5.59 4.79 -12.25
CA GLU B 125 4.92 4.05 -13.36
C GLU B 125 4.92 2.54 -13.14
N VAL B 126 6.05 2.03 -12.62
CA VAL B 126 6.15 0.61 -12.37
C VAL B 126 5.04 0.23 -11.30
N GLN B 127 4.88 1.09 -10.35
CA GLN B 127 3.85 0.81 -9.28
C GLN B 127 2.46 0.88 -9.88
N ALA B 128 2.26 1.75 -10.84
CA ALA B 128 0.94 1.84 -11.48
C ALA B 128 0.58 0.58 -12.14
N SER B 129 1.57 -0.04 -12.88
CA SER B 129 1.29 -1.29 -13.57
C SER B 129 0.96 -2.37 -12.55
N TRP B 130 1.70 -2.40 -11.43
CA TRP B 130 1.42 -3.40 -10.42
C TRP B 130 0.12 -3.20 -9.63
N GLN B 131 -0.31 -1.95 -9.54
CA GLN B 131 -1.62 -1.65 -8.92
C GLN B 131 -2.72 -2.13 -9.78
N LYS B 132 -2.51 -2.08 -11.07
CA LYS B 132 -3.50 -2.57 -12.04
C LYS B 132 -3.50 -4.09 -11.85
N MET B 133 -2.44 -4.71 -11.65
CA MET B 133 -2.36 -6.17 -11.49
C MET B 133 -3.12 -6.53 -10.19
N VAL B 134 -2.82 -5.84 -9.08
CA VAL B 134 -3.49 -6.07 -7.79
C VAL B 134 -5.00 -6.04 -7.94
N THR B 135 -5.51 -5.01 -8.59
CA THR B 135 -6.97 -4.86 -8.83
C THR B 135 -7.50 -6.01 -9.64
N ALA B 136 -6.79 -6.35 -10.75
CA ALA B 136 -7.26 -7.37 -11.61
C ALA B 136 -7.32 -8.77 -10.93
N VAL B 137 -6.30 -9.02 -10.10
CA VAL B 137 -6.26 -10.34 -9.39
C VAL B 137 -7.46 -10.37 -8.39
N ALA B 138 -7.61 -9.30 -7.66
CA ALA B 138 -8.69 -9.22 -6.64
C ALA B 138 -10.04 -9.45 -7.31
N SER B 139 -10.21 -8.87 -8.49
CA SER B 139 -11.51 -9.03 -9.21
C SER B 139 -11.71 -10.43 -9.64
N ALA B 140 -10.64 -11.07 -10.17
CA ALA B 140 -10.75 -12.44 -10.63
C ALA B 140 -11.03 -13.41 -9.55
N LEU B 141 -10.41 -13.19 -8.33
CA LEU B 141 -10.57 -14.11 -7.24
C LEU B 141 -11.98 -13.92 -6.54
N SER B 142 -12.48 -12.75 -6.65
CA SER B 142 -13.87 -12.45 -5.98
C SER B 142 -14.91 -12.69 -6.98
N SER B 143 -14.57 -13.12 -8.16
CA SER B 143 -15.67 -13.24 -9.21
C SER B 143 -16.82 -14.00 -8.74
N ARG B 144 -16.67 -15.12 -8.00
CA ARG B 144 -17.78 -15.92 -7.55
C ARG B 144 -18.77 -15.15 -6.57
N TYR B 145 -18.37 -14.05 -6.08
CA TYR B 145 -19.17 -13.24 -5.22
C TYR B 145 -19.95 -12.25 -6.09
N HIS B 146 -19.57 -12.11 -7.28
CA HIS B 146 -20.15 -11.08 -8.21
C HIS B 146 -20.70 -11.83 -9.50
#